data_9IQW
#
_entry.id   9IQW
#
_cell.length_a   96.750
_cell.length_b   115.540
_cell.length_c   54.290
_cell.angle_alpha   90.000
_cell.angle_beta   90.000
_cell.angle_gamma   90.000
#
_symmetry.space_group_name_H-M   'P 21 21 2'
#
loop_
_entity.id
_entity.type
_entity.pdbx_description
1 polymer 'Capsule biosynthesis protein'
2 non-polymer GLYCEROL
3 non-polymer 'MAGNESIUM ION'
4 water water
#
_entity_poly.entity_id   1
_entity_poly.type   'polypeptide(L)'
_entity_poly.pdbx_seq_one_letter_code
;VPRGSHMHRVENMLNLCFDVDDCITEWNNNRDYVNFKPDVEMVSAINALYDAGHTITLYTARGMKSVGPGRIAIDILPSL
IQNLANIGLKYHNLLTHKPVYDWIIDDKAMRPDEFKALMNKGEFETFKSYKPNL
;
_entity_poly.pdbx_strand_id   A,B,C,E
#
# COMPACT_ATOMS: atom_id res chain seq x y z
N ASN A 12 -17.99 -22.42 -1.73
CA ASN A 12 -16.85 -23.26 -1.36
C ASN A 12 -15.56 -22.91 -2.12
N MET A 13 -15.59 -21.85 -2.94
CA MET A 13 -14.44 -21.48 -3.74
C MET A 13 -13.48 -20.65 -2.87
N LEU A 14 -12.21 -21.06 -2.86
CA LEU A 14 -11.23 -20.50 -1.95
C LEU A 14 -10.42 -19.38 -2.60
N ASN A 15 -9.99 -18.44 -1.76
CA ASN A 15 -9.19 -17.30 -2.16
C ASN A 15 -7.78 -17.54 -1.62
N LEU A 16 -6.87 -17.97 -2.50
CA LEU A 16 -5.58 -18.50 -2.07
C LEU A 16 -4.42 -17.59 -2.48
N CYS A 17 -3.43 -17.47 -1.60
CA CYS A 17 -2.24 -16.66 -1.83
C CYS A 17 -0.97 -17.49 -1.67
N PHE A 18 -0.16 -17.56 -2.72
CA PHE A 18 1.08 -18.32 -2.74
C PHE A 18 2.32 -17.46 -2.89
N ASP A 19 3.35 -17.71 -2.08
CA ASP A 19 4.69 -17.25 -2.39
C ASP A 19 5.16 -17.85 -3.71
N VAL A 20 6.06 -17.14 -4.40
CA VAL A 20 6.75 -17.71 -5.55
C VAL A 20 8.03 -18.41 -5.14
N ASP A 21 8.97 -17.64 -4.57
CA ASP A 21 10.30 -18.16 -4.31
C ASP A 21 10.32 -19.17 -3.15
N ASP A 22 11.08 -20.24 -3.34
CA ASP A 22 11.17 -21.34 -2.40
C ASP A 22 9.78 -21.85 -2.01
N CYS A 23 8.89 -21.89 -3.00
CA CYS A 23 7.52 -22.29 -2.81
C CYS A 23 7.03 -22.94 -4.11
N ILE A 24 6.78 -22.12 -5.14
CA ILE A 24 6.46 -22.64 -6.46
C ILE A 24 7.72 -23.02 -7.22
N THR A 25 8.74 -22.16 -7.13
CA THR A 25 10.05 -22.42 -7.71
C THR A 25 11.11 -22.41 -6.61
N GLU A 26 12.29 -22.90 -6.96
CA GLU A 26 13.43 -22.96 -6.04
C GLU A 26 14.35 -21.78 -6.28
N TRP A 27 14.81 -21.16 -5.19
CA TRP A 27 15.73 -20.04 -5.30
C TRP A 27 17.08 -20.53 -5.82
N ASN A 28 17.70 -19.71 -6.68
CA ASN A 28 19.07 -19.91 -7.11
C ASN A 28 19.80 -18.59 -6.91
N ASN A 29 20.94 -18.63 -6.18
CA ASN A 29 21.70 -17.42 -5.90
C ASN A 29 22.30 -16.76 -7.13
N ASN A 30 22.36 -17.48 -8.27
CA ASN A 30 22.82 -16.86 -9.51
C ASN A 30 21.82 -15.83 -10.03
N ARG A 31 20.59 -15.83 -9.49
CA ARG A 31 19.56 -14.87 -9.86
C ARG A 31 19.28 -14.83 -11.36
N ASP A 32 19.48 -15.98 -12.03
CA ASP A 32 19.04 -16.13 -13.41
C ASP A 32 17.56 -16.52 -13.37
N TYR A 33 16.72 -15.51 -13.13
CA TYR A 33 15.34 -15.73 -12.71
C TYR A 33 14.52 -16.55 -13.69
N VAL A 34 14.74 -16.35 -14.99
CA VAL A 34 13.91 -17.02 -15.98
C VAL A 34 14.13 -18.53 -15.92
N ASN A 35 15.31 -18.96 -15.42
CA ASN A 35 15.62 -20.37 -15.32
C ASN A 35 15.45 -21.01 -13.94
N PHE A 36 14.77 -20.30 -13.03
CA PHE A 36 14.42 -20.90 -11.74
C PHE A 36 13.61 -22.17 -11.98
N LYS A 37 13.95 -23.20 -11.21
CA LYS A 37 13.39 -24.53 -11.36
C LYS A 37 12.05 -24.66 -10.65
N PRO A 38 11.00 -25.18 -11.32
CA PRO A 38 9.71 -25.40 -10.66
C PRO A 38 9.69 -26.66 -9.80
N ASP A 39 8.95 -26.57 -8.70
CA ASP A 39 8.47 -27.75 -8.00
C ASP A 39 7.25 -28.21 -8.79
N VAL A 40 7.41 -29.25 -9.60
CA VAL A 40 6.34 -29.66 -10.50
C VAL A 40 5.11 -30.15 -9.73
N GLU A 41 5.32 -30.65 -8.50
CA GLU A 41 4.19 -31.04 -7.66
C GLU A 41 3.34 -29.83 -7.24
N MET A 42 4.01 -28.71 -6.92
CA MET A 42 3.31 -27.46 -6.62
C MET A 42 2.57 -26.93 -7.84
N VAL A 43 3.22 -26.98 -9.01
CA VAL A 43 2.60 -26.49 -10.24
C VAL A 43 1.33 -27.29 -10.53
N SER A 44 1.42 -28.62 -10.43
CA SER A 44 0.26 -29.48 -10.65
C SER A 44 -0.88 -29.15 -9.70
N ALA A 45 -0.55 -29.00 -8.40
CA ALA A 45 -1.55 -28.74 -7.38
C ALA A 45 -2.26 -27.41 -7.60
N ILE A 46 -1.47 -26.35 -7.85
CA ILE A 46 -2.05 -25.04 -8.12
C ILE A 46 -2.93 -25.07 -9.36
N ASN A 47 -2.45 -25.71 -10.43
CA ASN A 47 -3.23 -25.79 -11.66
C ASN A 47 -4.54 -26.53 -11.44
N ALA A 48 -4.51 -27.59 -10.61
CA ALA A 48 -5.73 -28.31 -10.30
C ALA A 48 -6.73 -27.39 -9.59
N LEU A 49 -6.24 -26.59 -8.64
CA LEU A 49 -7.12 -25.69 -7.91
C LEU A 49 -7.67 -24.60 -8.82
N TYR A 50 -6.82 -24.07 -9.70
CA TYR A 50 -7.25 -23.11 -10.70
C TYR A 50 -8.38 -23.70 -11.54
N ASP A 51 -8.17 -24.93 -12.03
CA ASP A 51 -9.15 -25.56 -12.88
C ASP A 51 -10.48 -25.82 -12.17
N ALA A 52 -10.41 -26.04 -10.85
CA ALA A 52 -11.60 -26.28 -10.04
C ALA A 52 -12.40 -25.03 -9.69
N GLY A 53 -11.82 -23.84 -9.95
CA GLY A 53 -12.52 -22.59 -9.74
C GLY A 53 -12.03 -21.70 -8.60
N HIS A 54 -10.99 -22.14 -7.88
CA HIS A 54 -10.42 -21.34 -6.80
C HIS A 54 -9.61 -20.16 -7.36
N THR A 55 -9.55 -19.07 -6.59
CA THR A 55 -8.77 -17.91 -7.00
C THR A 55 -7.32 -18.07 -6.56
N ILE A 56 -6.41 -17.88 -7.51
CA ILE A 56 -4.98 -18.07 -7.31
C ILE A 56 -4.26 -16.74 -7.40
N THR A 57 -3.72 -16.28 -6.26
CA THR A 57 -2.88 -15.09 -6.21
C THR A 57 -1.46 -15.52 -5.87
N LEU A 58 -0.50 -14.97 -6.63
CA LEU A 58 0.91 -15.09 -6.31
C LEU A 58 1.38 -13.77 -5.72
N TYR A 59 2.22 -13.85 -4.69
CA TYR A 59 2.66 -12.68 -3.95
C TYR A 59 4.15 -12.84 -3.66
N THR A 60 4.95 -11.86 -4.10
CA THR A 60 6.38 -12.00 -3.99
C THR A 60 7.09 -10.77 -3.45
N ALA A 61 8.16 -11.04 -2.69
CA ALA A 61 9.08 -10.03 -2.19
C ALA A 61 10.26 -9.81 -3.11
N ARG A 62 10.29 -10.53 -4.25
CA ARG A 62 11.47 -10.56 -5.07
C ARG A 62 11.81 -9.15 -5.53
N GLY A 63 13.09 -8.78 -5.37
CA GLY A 63 13.58 -7.51 -5.85
C GLY A 63 13.59 -6.38 -4.83
N MET A 64 12.85 -6.55 -3.73
CA MET A 64 12.68 -5.46 -2.78
C MET A 64 14.02 -4.98 -2.24
N LYS A 65 14.94 -5.93 -2.01
CA LYS A 65 16.27 -5.61 -1.51
C LYS A 65 17.32 -5.41 -2.61
N SER A 66 17.17 -6.13 -3.73
CA SER A 66 18.19 -6.13 -4.77
C SER A 66 18.12 -4.95 -5.73
N VAL A 67 16.94 -4.68 -6.28
CA VAL A 67 16.78 -3.55 -7.19
C VAL A 67 15.98 -2.40 -6.58
N GLY A 68 15.17 -2.73 -5.58
CA GLY A 68 14.42 -1.71 -4.85
C GLY A 68 12.99 -1.57 -5.36
N PRO A 69 12.09 -0.98 -4.55
CA PRO A 69 10.66 -0.99 -4.86
C PRO A 69 10.30 -0.26 -6.15
N GLY A 70 11.09 0.76 -6.51
CA GLY A 70 10.84 1.52 -7.72
C GLY A 70 11.21 0.80 -9.02
N ARG A 71 11.98 -0.29 -8.90
CA ARG A 71 12.49 -1.01 -10.05
C ARG A 71 11.85 -2.37 -10.30
N ILE A 72 11.04 -2.86 -9.36
CA ILE A 72 10.44 -4.18 -9.50
C ILE A 72 9.64 -4.29 -10.80
N ALA A 73 8.87 -3.25 -11.11
CA ALA A 73 8.02 -3.29 -12.30
C ALA A 73 8.81 -3.49 -13.58
N ILE A 74 10.02 -2.90 -13.65
CA ILE A 74 10.83 -2.92 -14.86
C ILE A 74 11.78 -4.11 -14.90
N ASP A 75 12.43 -4.37 -13.76
CA ASP A 75 13.58 -5.25 -13.72
C ASP A 75 13.27 -6.66 -13.23
N ILE A 76 12.15 -6.84 -12.53
CA ILE A 76 11.83 -8.13 -11.92
C ILE A 76 10.65 -8.83 -12.60
N LEU A 77 9.57 -8.09 -12.89
CA LEU A 77 8.36 -8.73 -13.36
C LEU A 77 8.51 -9.48 -14.68
N PRO A 78 9.21 -8.95 -15.71
CA PRO A 78 9.27 -9.65 -16.99
C PRO A 78 9.81 -11.07 -16.90
N SER A 79 10.94 -11.27 -16.23
CA SER A 79 11.53 -12.59 -16.17
C SER A 79 10.70 -13.54 -15.31
N LEU A 80 10.06 -12.99 -14.26
CA LEU A 80 9.20 -13.79 -13.41
C LEU A 80 7.99 -14.31 -14.21
N ILE A 81 7.30 -13.40 -14.90
CA ILE A 81 6.15 -13.76 -15.70
C ILE A 81 6.55 -14.78 -16.77
N GLN A 82 7.71 -14.59 -17.40
CA GLN A 82 8.16 -15.53 -18.42
C GLN A 82 8.42 -16.92 -17.82
N ASN A 83 9.09 -16.93 -16.65
CA ASN A 83 9.32 -18.19 -15.95
C ASN A 83 8.01 -18.93 -15.68
N LEU A 84 7.02 -18.22 -15.15
CA LEU A 84 5.75 -18.82 -14.79
C LEU A 84 5.02 -19.35 -16.03
N ALA A 85 5.16 -18.67 -17.16
CA ALA A 85 4.61 -19.16 -18.41
C ALA A 85 5.34 -20.40 -18.90
N ASN A 86 6.67 -20.40 -18.82
CA ASN A 86 7.46 -21.56 -19.26
C ASN A 86 7.13 -22.81 -18.45
N ILE A 87 6.90 -22.64 -17.13
CA ILE A 87 6.61 -23.78 -16.28
C ILE A 87 5.16 -24.24 -16.39
N GLY A 88 4.31 -23.43 -17.05
CA GLY A 88 2.93 -23.78 -17.32
C GLY A 88 1.98 -23.52 -16.15
N LEU A 89 2.32 -22.53 -15.32
CA LEU A 89 1.51 -22.22 -14.14
C LEU A 89 0.30 -21.40 -14.55
N LYS A 90 -0.86 -21.78 -14.02
CA LYS A 90 -2.08 -21.02 -14.16
C LYS A 90 -2.34 -20.25 -12.87
N TYR A 91 -2.62 -18.96 -13.00
CA TYR A 91 -2.90 -18.11 -11.85
C TYR A 91 -3.72 -16.90 -12.31
N HIS A 92 -4.39 -16.25 -11.35
CA HIS A 92 -5.21 -15.08 -11.65
C HIS A 92 -4.47 -13.78 -11.40
N ASN A 93 -3.81 -13.67 -10.24
CA ASN A 93 -3.28 -12.41 -9.76
C ASN A 93 -1.80 -12.54 -9.43
N LEU A 94 -1.05 -11.48 -9.71
CA LEU A 94 0.36 -11.42 -9.37
C LEU A 94 0.63 -10.09 -8.68
N LEU A 95 1.06 -10.17 -7.43
CA LEU A 95 1.30 -9.01 -6.59
C LEU A 95 2.75 -9.00 -6.11
N THR A 96 3.30 -7.78 -6.03
CA THR A 96 4.70 -7.58 -5.63
C THR A 96 4.77 -6.77 -4.34
N HIS A 97 6.00 -6.40 -3.95
CA HIS A 97 6.26 -5.56 -2.80
C HIS A 97 5.83 -6.23 -1.49
N LYS A 98 5.94 -7.56 -1.45
CA LYS A 98 5.64 -8.30 -0.23
C LYS A 98 6.67 -7.94 0.83
N PRO A 99 6.25 -7.67 2.09
CA PRO A 99 7.21 -7.46 3.17
C PRO A 99 7.92 -8.74 3.54
N VAL A 100 9.09 -8.60 4.17
CA VAL A 100 9.91 -9.74 4.53
C VAL A 100 9.95 -9.91 6.05
N TYR A 101 9.56 -11.10 6.51
CA TYR A 101 9.70 -11.50 7.91
C TYR A 101 10.37 -12.87 7.97
N ASP A 102 11.02 -13.17 9.09
CA ASP A 102 11.57 -14.50 9.31
C ASP A 102 10.46 -15.53 9.52
N TRP A 103 9.37 -15.10 10.18
CA TRP A 103 8.17 -15.92 10.32
C TRP A 103 6.92 -15.04 10.33
N ILE A 104 5.86 -15.55 9.68
CA ILE A 104 4.51 -15.06 9.90
C ILE A 104 3.77 -16.12 10.70
N ILE A 105 3.19 -15.71 11.83
CA ILE A 105 2.37 -16.59 12.65
C ILE A 105 0.92 -16.16 12.41
N ASP A 106 0.14 -17.07 11.82
CA ASP A 106 -1.11 -16.69 11.18
C ASP A 106 -2.05 -17.90 11.25
N ASP A 107 -3.31 -17.65 11.66
CA ASP A 107 -4.28 -18.74 11.80
C ASP A 107 -4.61 -19.46 10.49
N LYS A 108 -4.40 -18.77 9.36
CA LYS A 108 -4.72 -19.29 8.04
C LYS A 108 -3.50 -19.33 7.14
N ALA A 109 -2.40 -19.84 7.66
CA ALA A 109 -1.18 -20.02 6.89
C ALA A 109 -0.76 -21.47 6.90
N MET A 110 0.01 -21.86 5.88
CA MET A 110 0.44 -23.24 5.69
C MET A 110 1.73 -23.19 4.87
N ARG A 111 2.69 -24.08 5.18
CA ARG A 111 3.90 -24.18 4.39
C ARG A 111 3.69 -25.13 3.23
N PRO A 112 4.51 -25.03 2.15
CA PRO A 112 4.26 -25.80 0.94
C PRO A 112 4.24 -27.32 1.14
N ASP A 113 5.02 -27.82 2.10
CA ASP A 113 5.02 -29.26 2.37
C ASP A 113 3.65 -29.73 2.86
N GLU A 114 3.04 -29.01 3.80
CA GLU A 114 1.70 -29.35 4.26
C GLU A 114 0.66 -29.21 3.16
N PHE A 115 0.79 -28.14 2.38
CA PHE A 115 -0.08 -27.91 1.24
C PHE A 115 -0.04 -29.09 0.27
N LYS A 116 1.17 -29.53 -0.08
CA LYS A 116 1.32 -30.66 -0.98
C LYS A 116 0.75 -31.96 -0.40
N ALA A 117 0.96 -32.17 0.90
CA ALA A 117 0.48 -33.36 1.58
C ALA A 117 -1.05 -33.41 1.54
N LEU A 118 -1.69 -32.28 1.85
CA LEU A 118 -3.14 -32.20 1.85
C LEU A 118 -3.69 -32.40 0.43
N MET A 119 -3.05 -31.77 -0.56
CA MET A 119 -3.49 -31.91 -1.94
C MET A 119 -3.36 -33.35 -2.42
N ASN A 120 -2.28 -34.03 -2.00
CA ASN A 120 -2.08 -35.43 -2.37
C ASN A 120 -3.19 -36.33 -1.84
N LYS A 121 -3.69 -36.03 -0.63
CA LYS A 121 -4.74 -36.80 0.01
C LYS A 121 -6.16 -36.40 -0.40
N GLY A 122 -6.29 -35.28 -1.10
CA GLY A 122 -7.59 -34.73 -1.42
C GLY A 122 -8.27 -34.07 -0.22
N GLU A 123 -7.47 -33.59 0.75
CA GLU A 123 -8.00 -32.99 1.96
C GLU A 123 -7.92 -31.47 2.06
N PHE A 124 -7.28 -30.83 1.07
CA PHE A 124 -6.98 -29.41 1.19
C PHE A 124 -8.23 -28.53 1.23
N GLU A 125 -9.18 -28.81 0.34
CA GLU A 125 -10.31 -27.90 0.13
C GLU A 125 -11.18 -27.74 1.38
N THR A 126 -11.27 -28.79 2.21
CA THR A 126 -12.06 -28.76 3.42
C THR A 126 -11.25 -28.68 4.71
N PHE A 127 -9.93 -28.51 4.59
CA PHE A 127 -9.07 -28.43 5.76
C PHE A 127 -9.39 -27.18 6.57
N LYS A 128 -9.51 -27.35 7.89
CA LYS A 128 -9.93 -26.25 8.76
C LYS A 128 -8.72 -25.47 9.28
N SER A 129 -8.85 -24.14 9.29
CA SER A 129 -7.82 -23.27 9.85
C SER A 129 -7.85 -23.28 11.38
N TYR A 130 -6.82 -22.66 11.97
CA TYR A 130 -6.63 -22.67 13.41
C TYR A 130 -7.63 -21.77 14.14
N LYS A 131 -8.13 -22.27 15.28
CA LYS A 131 -8.91 -21.49 16.22
C LYS A 131 -8.35 -21.68 17.62
N PRO A 132 -8.28 -20.63 18.45
CA PRO A 132 -7.80 -20.75 19.82
C PRO A 132 -8.55 -21.77 20.67
N ASN A 133 -9.88 -21.86 20.48
CA ASN A 133 -10.70 -22.76 21.26
C ASN A 133 -10.39 -22.66 22.75
N LEU A 134 -10.43 -21.43 23.27
CA LEU A 134 -10.10 -21.17 24.65
C LEU A 134 -11.18 -21.71 25.59
N VAL B 1 -27.17 14.19 -18.54
CA VAL B 1 -27.31 13.92 -17.11
C VAL B 1 -28.27 14.93 -16.47
N PRO B 2 -29.58 14.64 -16.44
CA PRO B 2 -30.56 15.61 -15.96
C PRO B 2 -30.34 16.01 -14.52
N ARG B 3 -30.42 17.32 -14.24
CA ARG B 3 -30.20 17.80 -12.88
C ARG B 3 -31.19 17.14 -11.91
N GLY B 4 -30.69 16.80 -10.71
CA GLY B 4 -31.53 16.21 -9.68
C GLY B 4 -31.80 14.70 -9.84
N SER B 5 -31.41 14.13 -10.98
CA SER B 5 -31.57 12.69 -11.16
C SER B 5 -30.51 12.02 -10.29
N HIS B 6 -30.69 10.71 -10.05
CA HIS B 6 -29.68 9.94 -9.34
C HIS B 6 -28.30 10.08 -9.96
N MET B 7 -28.22 9.90 -11.28
CA MET B 7 -26.97 10.02 -11.99
C MET B 7 -26.29 11.36 -11.72
N HIS B 8 -27.07 12.43 -11.73
CA HIS B 8 -26.55 13.75 -11.44
C HIS B 8 -26.05 13.89 -10.00
N ARG B 9 -26.80 13.33 -9.04
CA ARG B 9 -26.40 13.38 -7.65
C ARG B 9 -25.04 12.69 -7.49
N VAL B 10 -24.93 11.50 -8.09
CA VAL B 10 -23.71 10.72 -8.03
C VAL B 10 -22.56 11.45 -8.70
N GLU B 11 -22.76 11.95 -9.92
CA GLU B 11 -21.71 12.63 -10.65
C GLU B 11 -21.23 13.88 -9.91
N ASN B 12 -22.12 14.54 -9.17
CA ASN B 12 -21.74 15.76 -8.49
C ASN B 12 -21.16 15.51 -7.10
N MET B 13 -21.06 14.25 -6.65
CA MET B 13 -20.31 13.94 -5.46
C MET B 13 -18.85 13.76 -5.86
N LEU B 14 -17.96 14.58 -5.32
CA LEU B 14 -16.54 14.51 -5.62
C LEU B 14 -15.83 13.67 -4.56
N ASN B 15 -14.75 13.01 -5.00
CA ASN B 15 -13.95 12.14 -4.17
C ASN B 15 -12.65 12.89 -3.89
N LEU B 16 -12.53 13.46 -2.69
CA LEU B 16 -11.51 14.45 -2.40
C LEU B 16 -10.52 13.92 -1.37
N CYS B 17 -9.23 14.22 -1.60
CA CYS B 17 -8.15 13.80 -0.74
C CYS B 17 -7.34 15.01 -0.28
N PHE B 18 -7.28 15.23 1.03
CA PHE B 18 -6.58 16.37 1.60
C PHE B 18 -5.39 15.94 2.45
N ASP B 19 -4.25 16.62 2.25
CA ASP B 19 -3.19 16.58 3.23
C ASP B 19 -3.69 17.17 4.55
N VAL B 20 -3.08 16.74 5.66
CA VAL B 20 -3.36 17.37 6.95
C VAL B 20 -2.35 18.49 7.19
N ASP B 21 -1.06 18.12 7.25
CA ASP B 21 -0.04 19.07 7.65
C ASP B 21 0.24 20.13 6.58
N ASP B 22 0.40 21.38 7.04
CA ASP B 22 0.58 22.53 6.17
C ASP B 22 -0.49 22.59 5.09
N CYS B 23 -1.71 22.25 5.50
CA CYS B 23 -2.85 22.20 4.60
C CYS B 23 -4.10 22.52 5.40
N ILE B 24 -4.56 21.57 6.21
CA ILE B 24 -5.67 21.83 7.13
C ILE B 24 -5.18 22.52 8.39
N THR B 25 -4.04 22.06 8.92
CA THR B 25 -3.37 22.69 10.05
C THR B 25 -1.96 23.11 9.65
N GLU B 26 -1.34 23.93 10.51
CA GLU B 26 -0.01 24.46 10.27
C GLU B 26 1.01 23.64 11.06
N TRP B 27 2.14 23.32 10.41
CA TRP B 27 3.17 22.55 11.08
C TRP B 27 3.82 23.39 12.18
N ASN B 28 4.13 22.75 13.30
CA ASN B 28 4.94 23.34 14.34
C ASN B 28 6.05 22.35 14.67
N ASN B 29 7.30 22.84 14.63
CA ASN B 29 8.46 22.00 14.89
C ASN B 29 8.52 21.46 16.32
N ASN B 30 7.75 22.04 17.25
CA ASN B 30 7.69 21.48 18.59
C ASN B 30 6.97 20.13 18.63
N ARG B 31 6.27 19.79 17.54
CA ARG B 31 5.59 18.50 17.42
C ARG B 31 4.62 18.24 18.57
N ASP B 32 4.05 19.31 19.13
CA ASP B 32 2.94 19.19 20.07
C ASP B 32 1.67 19.06 19.23
N TYR B 33 1.45 17.86 18.69
CA TYR B 33 0.51 17.64 17.61
C TYR B 33 -0.92 18.03 17.95
N VAL B 34 -1.33 17.80 19.20
CA VAL B 34 -2.72 18.04 19.55
C VAL B 34 -3.03 19.54 19.47
N ASN B 35 -1.99 20.39 19.62
CA ASN B 35 -2.16 21.83 19.56
C ASN B 35 -1.80 22.50 18.24
N PHE B 36 -1.63 21.70 17.18
CA PHE B 36 -1.44 22.26 15.85
C PHE B 36 -2.63 23.17 15.52
N LYS B 37 -2.30 24.33 14.93
CA LYS B 37 -3.27 25.38 14.69
C LYS B 37 -4.01 25.15 13.38
N PRO B 38 -5.36 25.20 13.37
CA PRO B 38 -6.11 25.06 12.13
C PRO B 38 -6.13 26.32 11.28
N ASP B 39 -6.13 26.10 9.95
CA ASP B 39 -6.55 27.11 9.01
C ASP B 39 -8.07 27.04 9.01
N VAL B 40 -8.72 28.00 9.70
CA VAL B 40 -10.15 27.92 9.90
C VAL B 40 -10.91 28.02 8.58
N GLU B 41 -10.31 28.67 7.58
CA GLU B 41 -10.92 28.73 6.25
C GLU B 41 -10.97 27.37 5.57
N MET B 42 -9.91 26.58 5.74
CA MET B 42 -9.87 25.21 5.26
C MET B 42 -10.90 24.34 5.97
N VAL B 43 -11.00 24.49 7.30
CA VAL B 43 -11.94 23.70 8.07
C VAL B 43 -13.37 24.00 7.61
N SER B 44 -13.68 25.29 7.46
CA SER B 44 -15.01 25.68 6.99
C SER B 44 -15.34 25.11 5.62
N ALA B 45 -14.37 25.20 4.70
CA ALA B 45 -14.55 24.75 3.33
C ALA B 45 -14.78 23.25 3.27
N ILE B 46 -13.94 22.49 3.98
CA ILE B 46 -14.09 21.04 4.01
C ILE B 46 -15.43 20.64 4.63
N ASN B 47 -15.80 21.29 5.73
CA ASN B 47 -17.07 20.97 6.37
C ASN B 47 -18.26 21.25 5.45
N ALA B 48 -18.16 22.34 4.68
CA ALA B 48 -19.21 22.66 3.72
C ALA B 48 -19.31 21.57 2.66
N LEU B 49 -18.18 21.08 2.17
CA LEU B 49 -18.15 20.04 1.16
C LEU B 49 -18.69 18.73 1.72
N TYR B 50 -18.31 18.41 2.96
CA TYR B 50 -18.85 17.25 3.65
C TYR B 50 -20.38 17.33 3.71
N ASP B 51 -20.88 18.49 4.14
CA ASP B 51 -22.32 18.67 4.27
C ASP B 51 -23.05 18.58 2.93
N ALA B 52 -22.38 18.95 1.83
CA ALA B 52 -22.94 18.91 0.50
C ALA B 52 -22.91 17.54 -0.16
N GLY B 53 -22.25 16.55 0.49
CA GLY B 53 -22.29 15.18 0.03
C GLY B 53 -21.01 14.60 -0.55
N HIS B 54 -19.94 15.42 -0.62
CA HIS B 54 -18.68 14.97 -1.16
C HIS B 54 -17.97 14.03 -0.18
N THR B 55 -17.15 13.12 -0.70
CA THR B 55 -16.36 12.24 0.16
C THR B 55 -15.07 12.95 0.52
N ILE B 56 -14.79 12.98 1.83
CA ILE B 56 -13.63 13.66 2.39
C ILE B 56 -12.66 12.62 2.97
N THR B 57 -11.51 12.47 2.31
CA THR B 57 -10.42 11.65 2.79
C THR B 57 -9.26 12.54 3.19
N LEU B 58 -8.70 12.26 4.37
CA LEU B 58 -7.47 12.88 4.83
C LEU B 58 -6.34 11.86 4.66
N TYR B 59 -5.17 12.33 4.23
CA TYR B 59 -4.04 11.47 3.93
C TYR B 59 -2.78 12.14 4.47
N THR B 60 -2.02 11.45 5.32
CA THR B 60 -0.87 12.06 5.94
C THR B 60 0.38 11.19 5.93
N ALA B 61 1.52 11.88 5.81
CA ALA B 61 2.84 11.27 5.95
C ALA B 61 3.39 11.37 7.37
N ARG B 62 2.58 11.93 8.28
CA ARG B 62 3.09 12.27 9.59
C ARG B 62 3.59 11.02 10.29
N GLY B 63 4.81 11.10 10.85
CA GLY B 63 5.36 10.01 11.63
C GLY B 63 6.28 9.06 10.86
N MET B 64 6.20 9.09 9.52
CA MET B 64 6.89 8.10 8.72
C MET B 64 8.40 8.17 8.97
N LYS B 65 8.92 9.39 9.16
CA LYS B 65 10.34 9.58 9.44
C LYS B 65 10.68 9.64 10.92
N SER B 66 9.76 10.14 11.75
CA SER B 66 10.05 10.38 13.15
C SER B 66 9.91 9.14 14.04
N VAL B 67 8.79 8.42 13.93
CA VAL B 67 8.58 7.23 14.74
C VAL B 67 8.65 5.95 13.92
N GLY B 68 8.40 6.08 12.61
CA GLY B 68 8.48 4.96 11.69
C GLY B 68 7.12 4.32 11.42
N PRO B 69 7.00 3.54 10.33
CA PRO B 69 5.70 3.04 9.89
C PRO B 69 5.04 2.10 10.89
N GLY B 70 5.84 1.37 11.67
CA GLY B 70 5.30 0.45 12.65
C GLY B 70 4.70 1.12 13.90
N ARG B 71 4.99 2.41 14.09
CA ARG B 71 4.57 3.13 15.28
C ARG B 71 3.47 4.17 15.04
N ILE B 72 3.14 4.46 13.78
CA ILE B 72 2.16 5.49 13.48
C ILE B 72 0.82 5.19 14.17
N ALA B 73 0.41 3.91 14.16
CA ALA B 73 -0.87 3.53 14.74
C ALA B 73 -0.97 3.88 16.23
N ILE B 74 0.15 3.74 16.95
CA ILE B 74 0.17 3.91 18.39
C ILE B 74 0.50 5.35 18.80
N ASP B 75 1.51 5.91 18.13
CA ASP B 75 2.15 7.13 18.58
C ASP B 75 1.68 8.40 17.88
N ILE B 76 1.07 8.27 16.69
CA ILE B 76 0.71 9.42 15.87
C ILE B 76 -0.80 9.62 15.78
N LEU B 77 -1.55 8.54 15.53
CA LEU B 77 -2.97 8.69 15.26
C LEU B 77 -3.79 9.31 16.40
N PRO B 78 -3.60 8.93 17.68
CA PRO B 78 -4.43 9.49 18.72
C PRO B 78 -4.44 11.01 18.80
N SER B 79 -3.26 11.64 18.78
CA SER B 79 -3.20 13.09 18.91
C SER B 79 -3.74 13.78 17.65
N LEU B 80 -3.52 13.16 16.48
CA LEU B 80 -4.06 13.69 15.23
C LEU B 80 -5.58 13.70 15.25
N ILE B 81 -6.17 12.55 15.58
CA ILE B 81 -7.61 12.43 15.65
C ILE B 81 -8.20 13.41 16.67
N GLN B 82 -7.54 13.55 17.82
CA GLN B 82 -8.01 14.49 18.83
C GLN B 82 -7.96 15.93 18.33
N ASN B 83 -6.86 16.29 17.67
CA ASN B 83 -6.72 17.61 17.06
C ASN B 83 -7.89 17.90 16.10
N LEU B 84 -8.15 16.94 15.21
CA LEU B 84 -9.19 17.12 14.20
C LEU B 84 -10.56 17.26 14.85
N ALA B 85 -10.80 16.54 15.95
CA ALA B 85 -12.04 16.68 16.70
C ALA B 85 -12.13 18.06 17.36
N ASN B 86 -11.03 18.51 17.99
CA ASN B 86 -11.04 19.80 18.65
C ASN B 86 -11.28 20.96 17.69
N ILE B 87 -10.74 20.86 16.47
CA ILE B 87 -10.92 21.93 15.50
C ILE B 87 -12.29 21.85 14.80
N GLY B 88 -13.01 20.74 15.01
CA GLY B 88 -14.37 20.58 14.51
C GLY B 88 -14.44 20.12 13.05
N LEU B 89 -13.41 19.40 12.59
CA LEU B 89 -13.37 18.93 11.21
C LEU B 89 -14.27 17.71 11.00
N LYS B 90 -15.04 17.74 9.92
CA LYS B 90 -15.83 16.61 9.48
C LYS B 90 -15.14 15.92 8.31
N TYR B 91 -15.01 14.60 8.39
CA TYR B 91 -14.36 13.84 7.34
C TYR B 91 -14.83 12.39 7.40
N HIS B 92 -14.66 11.68 6.29
CA HIS B 92 -15.07 10.28 6.20
C HIS B 92 -13.92 9.31 6.49
N ASN B 93 -12.76 9.56 5.85
CA ASN B 93 -11.67 8.61 5.86
C ASN B 93 -10.38 9.29 6.31
N LEU B 94 -9.55 8.54 7.03
CA LEU B 94 -8.23 9.00 7.45
C LEU B 94 -7.24 7.88 7.13
N LEU B 95 -6.27 8.22 6.27
CA LEU B 95 -5.26 7.29 5.80
C LEU B 95 -3.87 7.82 6.13
N THR B 96 -2.97 6.89 6.46
CA THR B 96 -1.61 7.19 6.87
C THR B 96 -0.61 6.58 5.89
N HIS B 97 0.67 6.65 6.23
CA HIS B 97 1.75 6.07 5.46
C HIS B 97 1.88 6.67 4.06
N LYS B 98 1.54 7.95 3.94
CA LYS B 98 1.70 8.66 2.69
C LYS B 98 3.19 8.76 2.35
N PRO B 99 3.59 8.48 1.09
CA PRO B 99 4.99 8.68 0.70
C PRO B 99 5.31 10.17 0.61
N VAL B 100 6.61 10.49 0.71
CA VAL B 100 7.05 11.87 0.70
C VAL B 100 7.81 12.17 -0.59
N TYR B 101 7.35 13.21 -1.30
CA TYR B 101 8.05 13.76 -2.44
C TYR B 101 8.16 15.27 -2.26
N ASP B 102 9.16 15.87 -2.92
CA ASP B 102 9.26 17.33 -2.96
C ASP B 102 8.11 17.93 -3.78
N TRP B 103 7.74 17.24 -4.85
CA TRP B 103 6.59 17.63 -5.67
C TRP B 103 5.90 16.40 -6.24
N ILE B 104 4.57 16.46 -6.27
CA ILE B 104 3.77 15.58 -7.11
C ILE B 104 3.25 16.42 -8.27
N ILE B 105 3.49 15.95 -9.49
CA ILE B 105 2.98 16.56 -10.70
C ILE B 105 1.85 15.66 -11.18
N ASP B 106 0.63 16.19 -11.17
CA ASP B 106 -0.57 15.38 -11.24
C ASP B 106 -1.65 16.22 -11.91
N ASP B 107 -2.38 15.63 -12.85
CA ASP B 107 -3.42 16.35 -13.58
C ASP B 107 -4.57 16.81 -12.70
N LYS B 108 -4.77 16.15 -11.57
CA LYS B 108 -5.86 16.42 -10.66
C LYS B 108 -5.35 16.79 -9.27
N ALA B 109 -4.37 17.69 -9.24
CA ALA B 109 -3.84 18.19 -7.98
C ALA B 109 -4.03 19.70 -7.88
N MET B 110 -4.15 20.17 -6.64
CA MET B 110 -4.37 21.57 -6.36
C MET B 110 -3.77 21.86 -4.99
N ARG B 111 -3.16 23.04 -4.84
CA ARG B 111 -2.61 23.43 -3.55
C ARG B 111 -3.69 24.14 -2.75
N PRO B 112 -3.55 24.24 -1.41
CA PRO B 112 -4.62 24.77 -0.58
C PRO B 112 -5.03 26.20 -0.90
N ASP B 113 -4.08 27.02 -1.37
CA ASP B 113 -4.40 28.39 -1.73
C ASP B 113 -5.40 28.44 -2.88
N GLU B 114 -5.16 27.66 -3.93
CA GLU B 114 -6.09 27.59 -5.04
C GLU B 114 -7.45 27.01 -4.62
N PHE B 115 -7.40 25.98 -3.78
CA PHE B 115 -8.61 25.37 -3.24
C PHE B 115 -9.46 26.41 -2.52
N LYS B 116 -8.82 27.16 -1.61
CA LYS B 116 -9.55 28.20 -0.87
C LYS B 116 -10.11 29.28 -1.79
N ALA B 117 -9.32 29.68 -2.81
CA ALA B 117 -9.73 30.72 -3.74
C ALA B 117 -10.97 30.27 -4.52
N LEU B 118 -10.95 29.04 -5.02
CA LEU B 118 -12.08 28.51 -5.77
C LEU B 118 -13.30 28.37 -4.88
N MET B 119 -13.12 27.88 -3.64
CA MET B 119 -14.24 27.75 -2.71
C MET B 119 -14.85 29.11 -2.39
N ASN B 120 -14.01 30.15 -2.24
CA ASN B 120 -14.51 31.49 -1.96
C ASN B 120 -15.40 32.01 -3.08
N LYS B 121 -15.06 31.67 -4.33
CA LYS B 121 -15.78 32.11 -5.51
C LYS B 121 -16.95 31.21 -5.90
N GLY B 122 -17.09 30.06 -5.22
CA GLY B 122 -18.10 29.06 -5.56
C GLY B 122 -17.79 28.30 -6.85
N GLU B 123 -16.50 28.21 -7.20
CA GLU B 123 -16.07 27.66 -8.47
C GLU B 123 -15.39 26.30 -8.39
N PHE B 124 -15.24 25.77 -7.17
CA PHE B 124 -14.49 24.54 -6.97
C PHE B 124 -15.17 23.33 -7.62
N GLU B 125 -16.48 23.20 -7.41
CA GLU B 125 -17.19 22.00 -7.80
C GLU B 125 -17.16 21.72 -9.30
N THR B 126 -17.09 22.80 -10.10
CA THR B 126 -17.07 22.68 -11.55
C THR B 126 -15.72 22.98 -12.18
N PHE B 127 -14.68 23.15 -11.35
CA PHE B 127 -13.36 23.47 -11.86
C PHE B 127 -12.82 22.25 -12.61
N LYS B 128 -12.26 22.49 -13.81
CA LYS B 128 -11.79 21.41 -14.66
C LYS B 128 -10.33 21.09 -14.37
N SER B 129 -10.02 19.79 -14.31
CA SER B 129 -8.65 19.34 -14.18
C SER B 129 -7.88 19.47 -15.49
N TYR B 130 -6.56 19.26 -15.42
CA TYR B 130 -5.68 19.45 -16.56
C TYR B 130 -5.83 18.36 -17.61
N LYS B 131 -5.80 18.76 -18.87
CA LYS B 131 -5.72 17.84 -20.00
C LYS B 131 -4.61 18.31 -20.94
N PRO B 132 -3.79 17.40 -21.50
CA PRO B 132 -2.75 17.78 -22.43
C PRO B 132 -3.23 18.57 -23.64
N ASN B 133 -4.43 18.23 -24.16
CA ASN B 133 -4.96 18.89 -25.33
C ASN B 133 -3.92 19.01 -26.45
N LEU B 134 -3.33 17.87 -26.81
CA LEU B 134 -2.27 17.85 -27.82
C LEU B 134 -2.81 18.06 -29.23
N ASN C 12 21.22 -13.61 15.17
CA ASN C 12 20.14 -14.58 15.24
C ASN C 12 18.85 -14.00 15.80
N MET C 13 18.72 -12.67 15.77
CA MET C 13 17.50 -12.00 16.21
C MET C 13 16.48 -12.03 15.08
N LEU C 14 15.27 -12.50 15.39
CA LEU C 14 14.26 -12.77 14.39
C LEU C 14 13.30 -11.59 14.23
N ASN C 15 12.79 -11.45 13.00
CA ASN C 15 11.84 -10.43 12.63
C ASN C 15 10.50 -11.14 12.46
N LEU C 16 9.61 -11.02 13.44
CA LEU C 16 8.43 -11.85 13.54
C LEU C 16 7.15 -11.05 13.33
N CYS C 17 6.17 -11.67 12.65
CA CYS C 17 4.89 -11.04 12.35
C CYS C 17 3.75 -11.94 12.82
N PHE C 18 2.92 -11.42 13.74
CA PHE C 18 1.81 -12.17 14.31
C PHE C 18 0.44 -11.57 13.94
N ASP C 19 -0.50 -12.43 13.54
CA ASP C 19 -1.90 -12.04 13.55
C ASP C 19 -2.34 -11.72 14.98
N VAL C 20 -3.35 -10.85 15.10
CA VAL C 20 -3.99 -10.64 16.39
C VAL C 20 -5.17 -11.59 16.58
N ASP C 21 -6.17 -11.49 15.70
CA ASP C 21 -7.40 -12.23 15.90
C ASP C 21 -7.24 -13.73 15.64
N ASP C 22 -7.87 -14.52 16.51
CA ASP C 22 -7.79 -15.97 16.48
C ASP C 22 -6.34 -16.43 16.44
N CYS C 23 -5.51 -15.73 17.20
CA CYS C 23 -4.08 -15.98 17.24
C CYS C 23 -3.57 -15.57 18.62
N ILE C 24 -3.47 -14.28 18.88
CA ILE C 24 -3.14 -13.78 20.21
C ILE C 24 -4.38 -13.74 21.10
N THR C 25 -5.50 -13.27 20.55
CA THR C 25 -6.78 -13.29 21.22
C THR C 25 -7.78 -14.12 20.41
N GLU C 26 -8.92 -14.40 21.04
CA GLU C 26 -9.99 -15.17 20.44
C GLU C 26 -11.07 -14.21 19.94
N TRP C 27 -11.57 -14.49 18.73
CA TRP C 27 -12.64 -13.69 18.17
C TRP C 27 -13.92 -13.87 18.99
N ASN C 28 -14.65 -12.77 19.18
CA ASN C 28 -15.98 -12.81 19.75
C ASN C 28 -16.91 -12.04 18.82
N ASN C 29 -17.99 -12.69 18.37
CA ASN C 29 -18.92 -12.05 17.45
C ASN C 29 -19.65 -10.84 18.03
N ASN C 30 -19.62 -10.65 19.36
CA ASN C 30 -20.18 -9.45 19.94
C ASN C 30 -19.37 -8.20 19.59
N ARG C 31 -18.14 -8.40 19.08
CA ARG C 31 -17.28 -7.30 18.65
C ARG C 31 -17.04 -6.27 19.75
N ASP C 32 -17.09 -6.71 21.01
CA ASP C 32 -16.67 -5.86 22.12
C ASP C 32 -15.16 -6.00 22.22
N TYR C 33 -14.45 -5.30 21.32
CA TYR C 33 -13.06 -5.58 21.03
C TYR C 33 -12.14 -5.44 22.23
N VAL C 34 -12.42 -4.46 23.10
CA VAL C 34 -11.53 -4.21 24.22
C VAL C 34 -11.52 -5.40 25.16
N ASN C 35 -12.61 -6.18 25.17
CA ASN C 35 -12.72 -7.34 26.05
C ASN C 35 -12.45 -8.71 25.40
N PHE C 36 -11.87 -8.71 24.19
CA PHE C 36 -11.43 -9.97 23.58
C PHE C 36 -10.49 -10.71 24.54
N LYS C 37 -10.70 -12.03 24.62
CA LYS C 37 -10.00 -12.89 25.56
C LYS C 37 -8.64 -13.32 25.01
N PRO C 38 -7.54 -13.19 25.80
CA PRO C 38 -6.23 -13.61 25.35
C PRO C 38 -6.00 -15.12 25.48
N ASP C 39 -5.22 -15.65 24.54
CA ASP C 39 -4.52 -16.91 24.74
C ASP C 39 -3.29 -16.57 25.59
N VAL C 40 -3.34 -16.84 26.89
CA VAL C 40 -2.28 -16.39 27.78
C VAL C 40 -0.95 -17.05 27.44
N GLU C 41 -1.00 -18.24 26.85
CA GLU C 41 0.21 -18.93 26.43
C GLU C 41 0.90 -18.20 25.27
N MET C 42 0.10 -17.66 24.34
CA MET C 42 0.62 -16.86 23.24
C MET C 42 1.23 -15.56 23.77
N VAL C 43 0.53 -14.91 24.71
CA VAL C 43 1.02 -13.65 25.26
C VAL C 43 2.37 -13.89 25.95
N SER C 44 2.46 -14.95 26.77
CA SER C 44 3.70 -15.27 27.44
C SER C 44 4.84 -15.54 26.46
N ALA C 45 4.56 -16.31 25.41
CA ALA C 45 5.57 -16.69 24.44
C ALA C 45 6.07 -15.48 23.67
N ILE C 46 5.15 -14.63 23.19
CA ILE C 46 5.54 -13.42 22.49
C ILE C 46 6.35 -12.50 23.40
N ASN C 47 5.90 -12.32 24.65
CA ASN C 47 6.63 -11.50 25.58
C ASN C 47 8.03 -12.03 25.85
N ALA C 48 8.19 -13.35 25.92
CA ALA C 48 9.52 -13.93 26.09
C ALA C 48 10.42 -13.57 24.91
N LEU C 49 9.87 -13.65 23.69
CA LEU C 49 10.64 -13.34 22.50
C LEU C 49 10.98 -11.85 22.46
N TYR C 50 10.02 -10.99 22.82
CA TYR C 50 10.25 -9.56 22.93
C TYR C 50 11.39 -9.29 23.91
N ASP C 51 11.33 -9.92 25.09
CA ASP C 51 12.33 -9.69 26.10
C ASP C 51 13.73 -10.12 25.64
N ALA C 52 13.79 -11.16 24.80
CA ALA C 52 15.05 -11.67 24.28
C ALA C 52 15.69 -10.80 23.21
N GLY C 53 14.89 -9.90 22.60
CA GLY C 53 15.40 -8.96 21.62
C GLY C 53 14.94 -9.23 20.18
N HIS C 54 14.00 -10.16 19.98
CA HIS C 54 13.37 -10.35 18.68
C HIS C 54 12.41 -9.19 18.40
N THR C 55 12.23 -8.86 17.11
CA THR C 55 11.30 -7.82 16.72
C THR C 55 9.91 -8.42 16.58
N ILE C 56 8.94 -7.78 17.23
CA ILE C 56 7.56 -8.23 17.28
C ILE C 56 6.68 -7.23 16.53
N THR C 57 6.14 -7.69 15.39
CA THR C 57 5.15 -6.95 14.63
C THR C 57 3.82 -7.67 14.74
N LEU C 58 2.77 -6.88 15.01
CA LEU C 58 1.40 -7.35 14.93
C LEU C 58 0.79 -6.83 13.64
N TYR C 59 0.03 -7.67 12.96
CA TYR C 59 -0.54 -7.34 11.66
C TYR C 59 -1.98 -7.84 11.64
N THR C 60 -2.92 -6.93 11.38
CA THR C 60 -4.32 -7.29 11.47
C THR C 60 -5.14 -6.79 10.28
N ALA C 61 -6.14 -7.60 9.93
CA ALA C 61 -7.16 -7.27 8.94
C ALA C 61 -8.41 -6.69 9.61
N ARG C 62 -8.38 -6.53 10.94
CA ARG C 62 -9.59 -6.19 11.66
C ARG C 62 -10.13 -4.87 11.14
N GLY C 63 -11.44 -4.86 10.82
CA GLY C 63 -12.12 -3.64 10.41
C GLY C 63 -12.19 -3.43 8.89
N MET C 64 -11.38 -4.14 8.14
CA MET C 64 -11.30 -3.89 6.70
C MET C 64 -12.65 -4.13 6.04
N LYS C 65 -13.41 -5.11 6.52
CA LYS C 65 -14.75 -5.36 5.99
C LYS C 65 -15.87 -4.69 6.75
N SER C 66 -15.69 -4.48 8.07
CA SER C 66 -16.76 -3.96 8.90
C SER C 66 -16.91 -2.43 8.86
N VAL C 67 -15.80 -1.70 9.01
CA VAL C 67 -15.85 -0.24 8.96
C VAL C 67 -15.16 0.32 7.71
N GLY C 68 -14.21 -0.43 7.15
CA GLY C 68 -13.53 -0.04 5.93
C GLY C 68 -12.17 0.59 6.19
N PRO C 69 -11.29 0.67 5.17
CA PRO C 69 -9.91 1.10 5.36
C PRO C 69 -9.75 2.52 5.89
N GLY C 70 -10.68 3.41 5.54
CA GLY C 70 -10.60 4.79 5.98
C GLY C 70 -11.01 5.01 7.43
N ARG C 71 -11.60 3.98 8.06
CA ARG C 71 -12.12 4.11 9.41
C ARG C 71 -11.35 3.32 10.45
N ILE C 72 -10.42 2.46 10.03
CA ILE C 72 -9.64 1.67 10.97
C ILE C 72 -8.95 2.55 12.00
N ALA C 73 -8.36 3.66 11.55
CA ALA C 73 -7.64 4.55 12.44
C ALA C 73 -8.47 5.07 13.60
N ILE C 74 -9.76 5.35 13.33
CA ILE C 74 -10.63 5.98 14.31
C ILE C 74 -11.42 4.96 15.11
N ASP C 75 -11.94 3.94 14.40
CA ASP C 75 -12.96 3.07 14.95
C ASP C 75 -12.42 1.74 15.47
N ILE C 76 -11.23 1.33 15.03
CA ILE C 76 -10.67 0.03 15.36
C ILE C 76 -9.47 0.13 16.29
N LEU C 77 -8.53 1.04 15.99
CA LEU C 77 -7.26 1.05 16.70
C LEU C 77 -7.37 1.31 18.20
N PRO C 78 -8.21 2.24 18.70
CA PRO C 78 -8.23 2.51 20.13
C PRO C 78 -8.50 1.28 21.00
N SER C 79 -9.56 0.53 20.66
CA SER C 79 -9.94 -0.62 21.46
C SER C 79 -8.93 -1.76 21.30
N LEU C 80 -8.34 -1.89 20.11
CA LEU C 80 -7.32 -2.93 19.89
C LEU C 80 -6.09 -2.65 20.75
N ILE C 81 -5.58 -1.43 20.67
CA ILE C 81 -4.39 -1.07 21.44
C ILE C 81 -4.66 -1.21 22.93
N GLN C 82 -5.87 -0.81 23.37
CA GLN C 82 -6.20 -0.94 24.78
C GLN C 82 -6.27 -2.39 25.22
N ASN C 83 -6.89 -3.24 24.38
CA ASN C 83 -6.93 -4.67 24.63
C ASN C 83 -5.52 -5.22 24.83
N LEU C 84 -4.61 -4.90 23.90
CA LEU C 84 -3.26 -5.44 23.95
C LEU C 84 -2.55 -4.99 25.21
N ALA C 85 -2.80 -3.74 25.67
CA ALA C 85 -2.25 -3.29 26.93
C ALA C 85 -2.85 -4.04 28.13
N ASN C 86 -4.17 -4.24 28.11
CA ASN C 86 -4.85 -4.91 29.22
C ASN C 86 -4.38 -6.36 29.37
N ILE C 87 -4.12 -7.03 28.24
CA ILE C 87 -3.67 -8.42 28.32
C ILE C 87 -2.17 -8.54 28.60
N GLY C 88 -1.46 -7.41 28.58
CA GLY C 88 -0.06 -7.35 28.96
C GLY C 88 0.91 -7.72 27.84
N LEU C 89 0.49 -7.53 26.59
CA LEU C 89 1.33 -7.90 25.46
C LEU C 89 2.36 -6.82 25.18
N LYS C 90 3.61 -7.27 24.95
CA LYS C 90 4.69 -6.40 24.52
C LYS C 90 4.92 -6.60 23.03
N TYR C 91 5.05 -5.50 22.30
CA TYR C 91 5.27 -5.55 20.86
C TYR C 91 5.92 -4.25 20.40
N HIS C 92 6.56 -4.30 19.23
CA HIS C 92 7.23 -3.14 18.66
C HIS C 92 6.35 -2.40 17.66
N ASN C 93 5.74 -3.14 16.74
CA ASN C 93 5.05 -2.56 15.60
C ASN C 93 3.62 -3.07 15.53
N LEU C 94 2.70 -2.17 15.12
CA LEU C 94 1.33 -2.55 14.85
C LEU C 94 0.95 -2.03 13.47
N LEU C 95 0.63 -2.98 12.59
CA LEU C 95 0.24 -2.68 11.22
C LEU C 95 -1.18 -3.17 10.97
N THR C 96 -1.91 -2.36 10.20
CA THR C 96 -3.29 -2.63 9.85
C THR C 96 -3.41 -2.86 8.34
N HIS C 97 -4.65 -2.95 7.86
CA HIS C 97 -4.93 -3.09 6.44
C HIS C 97 -4.38 -4.38 5.84
N LYS C 98 -4.32 -5.44 6.65
CA LYS C 98 -3.90 -6.73 6.15
C LYS C 98 -4.92 -7.27 5.15
N PRO C 99 -4.49 -7.79 3.98
CA PRO C 99 -5.43 -8.41 3.06
C PRO C 99 -5.96 -9.73 3.61
N VAL C 100 -7.12 -10.15 3.10
CA VAL C 100 -7.76 -11.36 3.58
C VAL C 100 -7.73 -12.44 2.50
N TYR C 101 -7.18 -13.59 2.88
CA TYR C 101 -7.19 -14.81 2.07
C TYR C 101 -7.69 -15.96 2.92
N ASP C 102 -8.24 -17.00 2.28
CA ASP C 102 -8.59 -18.22 3.00
C ASP C 102 -7.34 -18.95 3.47
N TRP C 103 -6.28 -18.91 2.64
CA TRP C 103 -4.99 -19.47 2.99
C TRP C 103 -3.86 -18.65 2.37
N ILE C 104 -2.78 -18.47 3.15
CA ILE C 104 -1.49 -18.08 2.62
C ILE C 104 -0.59 -19.31 2.66
N ILE C 105 0.00 -19.64 1.51
CA ILE C 105 0.97 -20.72 1.40
C ILE C 105 2.32 -20.04 1.24
N ASP C 106 3.18 -20.24 2.23
CA ASP C 106 4.34 -19.38 2.44
C ASP C 106 5.42 -20.24 3.08
N ASP C 107 6.67 -20.13 2.59
CA ASP C 107 7.76 -20.94 3.11
C ASP C 107 8.11 -20.63 4.56
N LYS C 108 7.76 -19.43 5.02
CA LYS C 108 8.07 -18.98 6.38
C LYS C 108 6.81 -18.64 7.16
N ALA C 109 5.83 -19.53 7.09
CA ALA C 109 4.60 -19.36 7.83
C ALA C 109 4.38 -20.50 8.83
N MET C 110 3.63 -20.19 9.89
CA MET C 110 3.41 -21.13 10.97
C MET C 110 2.10 -20.73 11.65
N ARG C 111 1.30 -21.75 12.02
CA ARG C 111 0.05 -21.48 12.73
C ARG C 111 0.34 -21.44 14.23
N PRO C 112 -0.54 -20.82 15.04
CA PRO C 112 -0.26 -20.63 16.46
C PRO C 112 -0.04 -21.91 17.26
N ASP C 113 -0.70 -23.00 16.86
CA ASP C 113 -0.52 -24.27 17.56
C ASP C 113 0.92 -24.76 17.44
N GLU C 114 1.48 -24.72 16.22
CA GLU C 114 2.85 -25.11 16.01
C GLU C 114 3.83 -24.17 16.73
N PHE C 115 3.53 -22.87 16.66
CA PHE C 115 4.32 -21.86 17.36
C PHE C 115 4.40 -22.17 18.85
N LYS C 116 3.24 -22.41 19.47
CA LYS C 116 3.21 -22.71 20.89
C LYS C 116 3.97 -24.00 21.23
N ALA C 117 3.82 -25.02 20.37
CA ALA C 117 4.46 -26.31 20.60
C ALA C 117 5.97 -26.16 20.55
N LEU C 118 6.48 -25.43 19.55
CA LEU C 118 7.91 -25.20 19.42
C LEU C 118 8.43 -24.37 20.58
N MET C 119 7.70 -23.33 20.99
CA MET C 119 8.12 -22.50 22.10
C MET C 119 8.17 -23.33 23.40
N ASN C 120 7.22 -24.24 23.59
CA ASN C 120 7.21 -25.09 24.77
C ASN C 120 8.45 -25.97 24.86
N LYS C 121 8.93 -26.44 23.70
CA LYS C 121 10.10 -27.31 23.62
C LYS C 121 11.43 -26.56 23.53
N GLY C 122 11.37 -25.22 23.41
CA GLY C 122 12.55 -24.40 23.22
C GLY C 122 13.17 -24.52 21.83
N GLU C 123 12.35 -24.88 20.84
CA GLU C 123 12.83 -25.19 19.50
C GLU C 123 12.50 -24.12 18.45
N PHE C 124 11.76 -23.08 18.84
CA PHE C 124 11.28 -22.10 17.86
C PHE C 124 12.43 -21.31 17.22
N GLU C 125 13.38 -20.83 18.04
CA GLU C 125 14.38 -19.90 17.55
C GLU C 125 15.27 -20.48 16.44
N THR C 126 15.50 -21.79 16.46
CA THR C 126 16.34 -22.45 15.46
C THR C 126 15.55 -23.29 14.46
N PHE C 127 14.22 -23.23 14.52
CA PHE C 127 13.37 -24.02 13.63
C PHE C 127 13.58 -23.56 12.20
N LYS C 128 13.75 -24.52 11.28
CA LYS C 128 14.09 -24.22 9.90
C LYS C 128 12.82 -24.06 9.07
N SER C 129 12.82 -23.02 8.24
CA SER C 129 11.71 -22.78 7.34
C SER C 129 11.80 -23.74 6.15
N TYR C 130 10.73 -23.76 5.34
CA TYR C 130 10.61 -24.70 4.25
C TYR C 130 11.52 -24.34 3.07
N LYS C 131 12.14 -25.38 2.50
CA LYS C 131 12.88 -25.27 1.25
C LYS C 131 12.42 -26.40 0.33
N PRO C 132 12.26 -26.14 -0.98
CA PRO C 132 11.86 -27.18 -1.92
C PRO C 132 12.81 -28.39 -1.94
N ASN C 133 14.12 -28.16 -1.78
CA ASN C 133 15.09 -29.23 -1.81
C ASN C 133 14.87 -30.14 -3.01
N LEU C 134 14.79 -29.54 -4.20
CA LEU C 134 14.51 -30.29 -5.41
C LEU C 134 15.73 -31.11 -5.81
N SER D 5 27.54 2.88 3.74
CA SER D 5 26.25 3.00 3.04
C SER D 5 25.93 4.42 2.58
N HIS D 6 26.95 5.20 2.22
CA HIS D 6 26.75 6.53 1.66
C HIS D 6 26.19 6.43 0.25
N MET D 7 25.04 7.08 0.02
CA MET D 7 24.44 7.19 -1.31
C MET D 7 24.75 8.56 -1.89
N HIS D 8 25.12 8.57 -3.17
CA HIS D 8 25.48 9.83 -3.82
C HIS D 8 24.21 10.54 -4.27
N ARG D 9 24.15 11.85 -4.00
CA ARG D 9 23.03 12.69 -4.39
C ARG D 9 23.57 14.08 -4.70
N VAL D 10 23.12 14.71 -5.80
CA VAL D 10 23.44 16.11 -6.03
C VAL D 10 22.93 16.95 -4.86
N GLU D 11 23.66 18.01 -4.51
CA GLU D 11 23.20 18.92 -3.47
C GLU D 11 21.95 19.60 -4.02
N ASN D 12 20.87 19.59 -3.23
CA ASN D 12 19.60 20.16 -3.64
C ASN D 12 18.84 19.31 -4.66
N MET D 13 19.14 18.00 -4.68
CA MET D 13 18.39 17.03 -5.46
C MET D 13 16.92 17.00 -5.03
N LEU D 14 16.01 17.06 -6.02
CA LEU D 14 14.60 16.94 -5.75
C LEU D 14 14.12 15.52 -5.99
N ASN D 15 13.14 15.10 -5.19
CA ASN D 15 12.51 13.80 -5.30
C ASN D 15 11.12 14.03 -5.88
N LEU D 16 10.95 13.73 -7.17
CA LEU D 16 9.77 14.15 -7.92
C LEU D 16 8.91 12.96 -8.33
N CYS D 17 7.59 13.15 -8.30
CA CYS D 17 6.63 12.12 -8.66
C CYS D 17 5.66 12.64 -9.72
N PHE D 18 5.62 11.96 -10.88
CA PHE D 18 4.79 12.35 -12.01
C PHE D 18 3.72 11.31 -12.34
N ASP D 19 2.49 11.76 -12.56
CA ASP D 19 1.50 10.93 -13.24
C ASP D 19 1.97 10.62 -14.67
N VAL D 20 1.51 9.48 -15.20
CA VAL D 20 1.73 9.19 -16.61
C VAL D 20 0.58 9.71 -17.46
N ASP D 21 -0.62 9.20 -17.23
CA ASP D 21 -1.75 9.51 -18.09
C ASP D 21 -2.23 10.96 -17.93
N ASP D 22 -2.54 11.59 -19.07
CA ASP D 22 -2.97 12.97 -19.15
C ASP D 22 -1.99 13.88 -18.41
N CYS D 23 -0.70 13.57 -18.57
CA CYS D 23 0.37 14.26 -17.88
C CYS D 23 1.61 14.17 -18.78
N ILE D 24 2.24 13.00 -18.83
CA ILE D 24 3.35 12.77 -19.74
C ILE D 24 2.83 12.42 -21.13
N THR D 25 1.80 11.54 -21.18
CA THR D 25 1.11 11.20 -22.41
C THR D 25 -0.36 11.58 -22.32
N GLU D 26 -1.02 11.54 -23.48
CA GLU D 26 -2.44 11.84 -23.58
C GLU D 26 -3.24 10.54 -23.60
N TRP D 27 -4.35 10.53 -22.87
CA TRP D 27 -5.23 9.37 -22.86
C TRP D 27 -5.88 9.19 -24.22
N ASN D 28 -6.00 7.93 -24.66
CA ASN D 28 -6.78 7.58 -25.83
C ASN D 28 -7.73 6.45 -25.43
N ASN D 29 -9.03 6.67 -25.68
CA ASN D 29 -10.04 5.68 -25.30
C ASN D 29 -9.92 4.35 -26.04
N ASN D 30 -9.16 4.30 -27.14
CA ASN D 30 -8.92 3.03 -27.80
C ASN D 30 -8.04 2.10 -26.96
N ARG D 31 -7.39 2.64 -25.93
CA ARG D 31 -6.57 1.87 -25.01
C ARG D 31 -5.48 1.07 -25.73
N ASP D 32 -5.00 1.59 -26.87
CA ASP D 32 -3.82 1.04 -27.52
C ASP D 32 -2.61 1.69 -26.85
N TYR D 33 -2.29 1.20 -25.64
CA TYR D 33 -1.43 1.89 -24.72
C TYR D 33 -0.03 2.16 -25.26
N VAL D 34 0.52 1.23 -26.05
CA VAL D 34 1.88 1.38 -26.53
C VAL D 34 1.97 2.60 -27.45
N ASN D 35 0.85 2.98 -28.08
CA ASN D 35 0.82 4.11 -29.01
C ASN D 35 0.26 5.42 -28.44
N PHE D 36 0.12 5.51 -27.11
CA PHE D 36 -0.26 6.77 -26.49
C PHE D 36 0.72 7.88 -26.90
N LYS D 37 0.17 9.05 -27.20
CA LYS D 37 0.91 10.18 -27.72
C LYS D 37 1.59 10.98 -26.61
N PRO D 38 2.90 11.30 -26.73
CA PRO D 38 3.57 12.08 -25.70
C PRO D 38 3.36 13.58 -25.84
N ASP D 39 3.31 14.26 -24.68
CA ASP D 39 3.57 15.68 -24.62
C ASP D 39 5.09 15.84 -24.67
N VAL D 40 5.61 16.22 -25.85
CA VAL D 40 7.06 16.26 -26.03
C VAL D 40 7.72 17.27 -25.11
N GLU D 41 6.97 18.32 -24.75
CA GLU D 41 7.48 19.34 -23.84
C GLU D 41 7.68 18.77 -22.43
N MET D 42 6.75 17.90 -21.99
CA MET D 42 6.87 17.23 -20.71
C MET D 42 8.06 16.27 -20.72
N VAL D 43 8.21 15.52 -21.81
CA VAL D 43 9.31 14.57 -21.92
C VAL D 43 10.64 15.31 -21.83
N SER D 44 10.78 16.42 -22.58
CA SER D 44 11.99 17.21 -22.53
C SER D 44 12.30 17.76 -21.14
N ALA D 45 11.28 18.28 -20.47
CA ALA D 45 11.44 18.87 -19.15
C ALA D 45 11.84 17.83 -18.11
N ILE D 46 11.16 16.67 -18.12
CA ILE D 46 11.52 15.59 -17.20
C ILE D 46 12.95 15.10 -17.47
N ASN D 47 13.28 14.92 -18.76
CA ASN D 47 14.63 14.49 -19.11
C ASN D 47 15.69 15.50 -18.65
N ALA D 48 15.40 16.79 -18.74
CA ALA D 48 16.32 17.80 -18.24
C ALA D 48 16.56 17.66 -16.74
N LEU D 49 15.48 17.41 -15.99
CA LEU D 49 15.59 17.23 -14.55
C LEU D 49 16.36 15.95 -14.22
N TYR D 50 16.07 14.88 -14.96
CA TYR D 50 16.83 13.63 -14.83
C TYR D 50 18.32 13.90 -15.05
N ASP D 51 18.65 14.63 -16.12
CA ASP D 51 20.04 14.88 -16.44
C ASP D 51 20.75 15.70 -15.35
N ALA D 52 19.99 16.55 -14.67
CA ALA D 52 20.53 17.39 -13.60
C ALA D 52 20.74 16.66 -12.27
N GLY D 53 20.20 15.45 -12.15
CA GLY D 53 20.40 14.61 -10.97
C GLY D 53 19.18 14.44 -10.06
N HIS D 54 18.03 14.97 -10.47
CA HIS D 54 16.81 14.82 -9.68
C HIS D 54 16.27 13.39 -9.82
N THR D 55 15.58 12.90 -8.80
CA THR D 55 14.97 11.59 -8.88
C THR D 55 13.60 11.69 -9.53
N ILE D 56 13.39 10.84 -10.54
CA ILE D 56 12.15 10.83 -11.32
C ILE D 56 11.38 9.55 -11.05
N THR D 57 10.24 9.68 -10.37
CA THR D 57 9.31 8.58 -10.13
C THR D 57 8.05 8.82 -10.95
N LEU D 58 7.63 7.78 -11.65
CA LEU D 58 6.35 7.75 -12.33
C LEU D 58 5.39 6.91 -11.50
N TYR D 59 4.14 7.39 -11.38
CA TYR D 59 3.15 6.77 -10.53
C TYR D 59 1.82 6.76 -11.28
N THR D 60 1.24 5.58 -11.45
CA THR D 60 0.05 5.45 -12.29
C THR D 60 -1.06 4.63 -11.65
N ALA D 61 -2.29 5.06 -11.94
CA ALA D 61 -3.50 4.35 -11.59
C ALA D 61 -3.99 3.43 -12.72
N ARG D 62 -3.23 3.39 -13.82
CA ARG D 62 -3.71 2.72 -15.01
C ARG D 62 -3.99 1.26 -14.70
N GLY D 63 -5.17 0.80 -15.11
CA GLY D 63 -5.53 -0.60 -14.97
C GLY D 63 -6.34 -0.95 -13.73
N MET D 64 -6.34 -0.06 -12.74
CA MET D 64 -6.93 -0.38 -11.45
C MET D 64 -8.41 -0.70 -11.60
N LYS D 65 -9.09 0.02 -12.50
CA LYS D 65 -10.50 -0.23 -12.77
C LYS D 65 -10.77 -1.17 -13.94
N SER D 66 -9.88 -1.19 -14.93
CA SER D 66 -10.11 -1.95 -16.15
C SER D 66 -9.75 -3.43 -16.05
N VAL D 67 -8.54 -3.74 -15.56
CA VAL D 67 -8.13 -5.13 -15.41
C VAL D 67 -8.07 -5.57 -13.95
N GLY D 68 -7.92 -4.60 -13.05
CA GLY D 68 -7.91 -4.88 -11.62
C GLY D 68 -6.49 -4.99 -11.07
N PRO D 69 -6.32 -4.82 -9.73
CA PRO D 69 -4.99 -4.75 -9.13
C PRO D 69 -4.14 -6.00 -9.33
N GLY D 70 -4.77 -7.17 -9.43
CA GLY D 70 -4.04 -8.41 -9.62
C GLY D 70 -3.49 -8.63 -11.01
N ARG D 71 -3.96 -7.82 -11.98
CA ARG D 71 -3.59 -8.00 -13.37
C ARG D 71 -2.66 -6.91 -13.93
N ILE D 72 -2.45 -5.84 -13.18
CA ILE D 72 -1.62 -4.73 -13.65
C ILE D 72 -0.24 -5.21 -14.08
N ALA D 73 0.36 -6.09 -13.26
CA ALA D 73 1.70 -6.60 -13.53
C ALA D 73 1.84 -7.25 -14.90
N ILE D 74 0.80 -7.98 -15.30
CA ILE D 74 0.83 -8.78 -16.52
C ILE D 74 0.30 -8.02 -17.73
N ASP D 75 -0.82 -7.31 -17.51
CA ASP D 75 -1.61 -6.78 -18.62
C ASP D 75 -1.36 -5.31 -18.91
N ILE D 76 -0.80 -4.57 -17.95
CA ILE D 76 -0.62 -3.12 -18.09
C ILE D 76 0.84 -2.74 -18.25
N LEU D 77 1.74 -3.31 -17.44
CA LEU D 77 3.10 -2.82 -17.40
C LEU D 77 3.87 -2.96 -18.72
N PRO D 78 3.77 -4.08 -19.48
CA PRO D 78 4.60 -4.19 -20.69
C PRO D 78 4.43 -3.05 -21.69
N SER D 79 3.16 -2.73 -22.01
CA SER D 79 2.89 -1.70 -23.01
C SER D 79 3.25 -0.32 -22.47
N LEU D 80 3.05 -0.09 -21.16
CA LEU D 80 3.41 1.18 -20.57
C LEU D 80 4.92 1.40 -20.64
N ILE D 81 5.69 0.42 -20.19
CA ILE D 81 7.14 0.54 -20.21
C ILE D 81 7.67 0.74 -21.62
N GLN D 82 7.06 0.01 -22.57
CA GLN D 82 7.49 0.13 -23.96
C GLN D 82 7.17 1.53 -24.49
N ASN D 83 5.98 2.03 -24.18
CA ASN D 83 5.60 3.39 -24.56
C ASN D 83 6.62 4.41 -24.06
N LEU D 84 6.98 4.31 -22.78
CA LEU D 84 7.87 5.28 -22.17
C LEU D 84 9.25 5.23 -22.84
N ALA D 85 9.69 4.02 -23.23
CA ALA D 85 10.93 3.89 -23.98
C ALA D 85 10.81 4.51 -25.38
N ASN D 86 9.69 4.25 -26.06
CA ASN D 86 9.50 4.73 -27.42
C ASN D 86 9.46 6.26 -27.47
N ILE D 87 8.87 6.89 -26.44
CA ILE D 87 8.80 8.35 -26.42
C ILE D 87 10.09 8.99 -25.92
N GLY D 88 11.03 8.17 -25.44
CA GLY D 88 12.35 8.64 -25.06
C GLY D 88 12.43 9.24 -23.65
N LEU D 89 11.55 8.79 -22.76
CA LEU D 89 11.53 9.31 -21.40
C LEU D 89 12.62 8.64 -20.57
N LYS D 90 13.34 9.46 -19.79
CA LYS D 90 14.29 8.97 -18.80
C LYS D 90 13.66 9.08 -17.41
N TYR D 91 13.74 8.01 -16.63
CA TYR D 91 13.17 8.00 -15.29
C TYR D 91 13.84 6.92 -14.44
N HIS D 92 13.68 7.04 -13.12
CA HIS D 92 14.29 6.10 -12.19
C HIS D 92 13.33 5.02 -11.73
N ASN D 93 12.12 5.42 -11.31
CA ASN D 93 11.19 4.53 -10.63
C ASN D 93 9.83 4.52 -11.32
N LEU D 94 9.18 3.35 -11.30
CA LEU D 94 7.83 3.20 -11.82
C LEU D 94 6.99 2.46 -10.80
N LEU D 95 5.95 3.14 -10.32
CA LEU D 95 5.04 2.59 -9.32
C LEU D 95 3.61 2.56 -9.86
N THR D 96 2.88 1.50 -9.48
CA THR D 96 1.51 1.27 -9.90
C THR D 96 0.56 1.31 -8.71
N HIS D 97 -0.71 0.97 -8.95
CA HIS D 97 -1.73 0.89 -7.92
C HIS D 97 -2.01 2.23 -7.24
N LYS D 98 -1.86 3.33 -8.00
CA LYS D 98 -2.17 4.65 -7.49
C LYS D 98 -3.67 4.74 -7.22
N PRO D 99 -4.09 5.29 -6.05
CA PRO D 99 -5.51 5.50 -5.80
C PRO D 99 -6.06 6.61 -6.67
N VAL D 100 -7.38 6.58 -6.87
CA VAL D 100 -8.04 7.53 -7.74
C VAL D 100 -8.91 8.49 -6.93
N TYR D 101 -8.64 9.79 -7.09
CA TYR D 101 -9.45 10.85 -6.52
C TYR D 101 -9.78 11.87 -7.61
N ASP D 102 -10.88 12.61 -7.42
CA ASP D 102 -11.18 13.71 -8.31
C ASP D 102 -10.19 14.86 -8.12
N TRP D 103 -9.77 15.07 -6.87
CA TRP D 103 -8.75 16.05 -6.54
C TRP D 103 -7.93 15.58 -5.34
N ILE D 104 -6.62 15.80 -5.43
CA ILE D 104 -5.75 15.82 -4.26
C ILE D 104 -5.43 17.28 -3.95
N ILE D 105 -5.65 17.67 -2.69
CA ILE D 105 -5.31 18.99 -2.20
C ILE D 105 -4.08 18.78 -1.31
N ASP D 106 -2.96 19.35 -1.74
CA ASP D 106 -1.65 18.94 -1.23
C ASP D 106 -0.74 20.16 -1.33
N ASP D 107 0.01 20.44 -0.26
CA ASP D 107 0.88 21.59 -0.21
C ASP D 107 2.02 21.55 -1.25
N LYS D 108 2.37 20.34 -1.70
CA LYS D 108 3.48 20.14 -2.62
C LYS D 108 3.01 19.44 -3.90
N ALA D 109 1.91 19.93 -4.46
CA ALA D 109 1.38 19.42 -5.71
C ALA D 109 1.31 20.53 -6.76
N MET D 110 1.35 20.13 -8.02
CA MET D 110 1.40 21.04 -9.14
C MET D 110 0.82 20.32 -10.35
N ARG D 111 0.06 21.01 -11.19
CA ARG D 111 -0.45 20.42 -12.41
C ARG D 111 0.58 20.60 -13.54
N PRO D 112 0.50 19.80 -14.62
CA PRO D 112 1.52 19.84 -15.65
C PRO D 112 1.69 21.18 -16.35
N ASP D 113 0.60 21.95 -16.47
CA ASP D 113 0.70 23.27 -17.09
C ASP D 113 1.62 24.18 -16.30
N GLU D 114 1.43 24.23 -14.97
CA GLU D 114 2.30 25.05 -14.13
C GLU D 114 3.74 24.54 -14.14
N PHE D 115 3.89 23.21 -14.12
CA PHE D 115 5.19 22.58 -14.20
C PHE D 115 5.93 23.04 -15.45
N LYS D 116 5.26 22.95 -16.60
CA LYS D 116 5.87 23.35 -17.86
C LYS D 116 6.22 24.84 -17.88
N ALA D 117 5.33 25.68 -17.33
CA ALA D 117 5.54 27.11 -17.32
C ALA D 117 6.77 27.47 -16.49
N LEU D 118 6.88 26.84 -15.31
CA LEU D 118 8.03 27.09 -14.45
C LEU D 118 9.32 26.60 -15.09
N MET D 119 9.27 25.42 -15.72
CA MET D 119 10.44 24.87 -16.38
C MET D 119 10.89 25.77 -17.54
N ASN D 120 9.93 26.34 -18.27
CA ASN D 120 10.26 27.25 -19.37
C ASN D 120 11.04 28.47 -18.89
N LYS D 121 10.70 28.97 -17.69
CA LYS D 121 11.33 30.15 -17.12
C LYS D 121 12.58 29.85 -16.28
N GLY D 122 12.88 28.55 -16.07
CA GLY D 122 13.98 28.13 -15.22
C GLY D 122 13.71 28.34 -13.73
N GLU D 123 12.43 28.33 -13.35
CA GLU D 123 12.01 28.68 -12.00
C GLU D 123 11.53 27.48 -11.16
N PHE D 124 11.47 26.28 -11.76
CA PHE D 124 10.90 25.13 -11.07
C PHE D 124 11.72 24.71 -9.84
N GLU D 125 13.04 24.64 -10.00
CA GLU D 125 13.88 24.05 -8.95
C GLU D 125 13.83 24.79 -7.62
N THR D 126 13.63 26.11 -7.68
CA THR D 126 13.57 26.94 -6.48
C THR D 126 12.16 27.41 -6.12
N PHE D 127 11.15 26.92 -6.83
CA PHE D 127 9.78 27.33 -6.59
C PHE D 127 9.35 26.83 -5.22
N LYS D 128 8.70 27.70 -4.44
CA LYS D 128 8.35 27.38 -3.07
C LYS D 128 6.96 26.73 -3.00
N SER D 129 6.86 25.67 -2.20
CA SER D 129 5.59 25.02 -1.96
C SER D 129 4.73 25.84 -1.00
N TYR D 130 3.47 25.42 -0.85
CA TYR D 130 2.49 26.16 -0.08
C TYR D 130 2.74 26.04 1.43
N LYS D 131 2.59 27.18 2.12
CA LYS D 131 2.59 27.20 3.58
C LYS D 131 1.37 28.00 4.03
N PRO D 132 0.68 27.56 5.09
CA PRO D 132 -0.47 28.30 5.62
C PRO D 132 -0.15 29.74 6.02
N ASN D 133 1.04 29.97 6.58
CA ASN D 133 1.42 31.30 7.04
C ASN D 133 0.31 31.97 7.85
N LEU D 134 -0.14 31.27 8.90
CA LEU D 134 -1.27 31.73 9.70
C LEU D 134 -0.86 32.87 10.60
#